data_8D1S
#
_entry.id   8D1S
#
_cell.length_a   84.377
_cell.length_b   84.377
_cell.length_c   292.492
_cell.angle_alpha   90.00
_cell.angle_beta   90.00
_cell.angle_gamma   120.00
#
_symmetry.space_group_name_H-M   'P 65 2 2'
#
loop_
_entity.id
_entity.type
_entity.pdbx_description
1 polymer 'Chaperone DnaK'
2 non-polymer 4-amino-7-(beta-D-ribofuranosyl)-7H-pyrrolo[2,3-d]pyrimidine-5-carbonitrile
3 non-polymer 'SULFATE ION'
4 water water
#
_entity_poly.entity_id   1
_entity_poly.type   'polypeptide(L)'
_entity_poly.pdbx_seq_one_letter_code
;MHHHHHHSSGRENLYFQGIEGPVIGIDLGTTYSCVGVFKNGRVEILNNELGNRITPSYVSFVDGERKVGEAAKLEATLHP
TQTVFDVKRLIGRKFDDQEVVKDRSLLPYEIVNNQGKPNIKVQIKDKDTTFAPEQISAMVLEKMKEIAQSFLGKPVKNAV
VTVPAYFNDAQRQATKDAGTIAGLNIVRIINEPTAAALAYGLDKKEETSILVYDLGGGTFDVSILVIDNGVFEVYATAGN
THLGGEDFDQRVMDYFIKMFKKKNNIDLRTDKRAIQKLRKEVEIAKRNLSVVHSTQIEIEDIVEGHNFSETLTRAKFEEL
NDDLFRETLEPVKKVLDDAKYEKSKIDEIVLVGGSTRIPKIQQIIKEFFNGKEPNRGINPDEAVAYGAAIQAGIILG
;
_entity_poly.pdbx_strand_id   A
#
loop_
_chem_comp.id
_chem_comp.type
_chem_comp.name
_chem_comp.formula
SO4 non-polymer 'SULFATE ION' 'O4 S -2'
TO1 non-polymer 4-amino-7-(beta-D-ribofuranosyl)-7H-pyrrolo[2,3-d]pyrimidine-5-carbonitrile 'C12 H13 N5 O4'
#
# COMPACT_ATOMS: atom_id res chain seq x y z
N GLY A 21 -20.67 19.61 8.50
CA GLY A 21 -20.02 18.47 9.20
C GLY A 21 -18.55 18.40 8.82
N PRO A 22 -17.73 17.62 9.56
CA PRO A 22 -16.35 17.36 9.13
C PRO A 22 -16.22 16.47 7.88
N VAL A 23 -15.17 16.71 7.12
CA VAL A 23 -14.81 15.87 5.95
C VAL A 23 -13.38 15.42 6.20
N ILE A 24 -13.17 14.11 6.30
CA ILE A 24 -11.84 13.46 6.52
C ILE A 24 -11.34 12.94 5.18
N GLY A 25 -10.05 12.66 5.14
CA GLY A 25 -9.38 12.17 3.93
C GLY A 25 -8.85 10.79 4.20
N ILE A 26 -9.09 9.84 3.30
CA ILE A 26 -8.68 8.42 3.54
C ILE A 26 -7.99 7.92 2.29
N ASP A 27 -6.79 7.42 2.50
CA ASP A 27 -6.00 6.66 1.52
C ASP A 27 -6.39 5.22 1.81
N LEU A 28 -7.16 4.65 0.91
CA LEU A 28 -7.58 3.23 0.93
C LEU A 28 -6.63 2.43 0.02
N GLY A 29 -5.55 1.92 0.60
CA GLY A 29 -4.40 1.32 -0.13
C GLY A 29 -4.64 -0.17 -0.32
N THR A 30 -3.83 -0.81 -1.13
CA THR A 30 -3.85 -2.28 -1.27
C THR A 30 -3.50 -2.93 0.06
N THR A 31 -2.41 -2.54 0.72
CA THR A 31 -1.84 -3.23 1.89
C THR A 31 -2.15 -2.45 3.18
N TYR A 32 -2.41 -1.17 3.08
CA TYR A 32 -2.70 -0.34 4.26
C TYR A 32 -3.64 0.82 3.93
N SER A 33 -4.28 1.37 4.95
N SER A 33 -4.19 1.40 4.99
CA SER A 33 -5.02 2.64 4.82
CA SER A 33 -5.05 2.60 4.94
C SER A 33 -4.47 3.64 5.85
C SER A 33 -4.57 3.63 5.96
N CYS A 34 -4.83 4.89 5.67
CA CYS A 34 -4.28 6.02 6.41
C CYS A 34 -5.35 7.09 6.40
N VAL A 35 -5.59 7.74 7.52
CA VAL A 35 -6.68 8.74 7.62
C VAL A 35 -6.08 10.03 8.14
N GLY A 36 -6.54 11.12 7.56
CA GLY A 36 -6.11 12.49 7.84
C GLY A 36 -7.32 13.38 8.00
N VAL A 37 -7.19 14.41 8.84
CA VAL A 37 -8.19 15.48 9.05
C VAL A 37 -7.48 16.81 8.76
N PHE A 38 -8.22 17.75 8.25
CA PHE A 38 -7.78 19.14 8.07
C PHE A 38 -8.41 19.95 9.21
N LYS A 39 -7.64 20.54 10.13
CA LYS A 39 -8.24 21.20 11.33
C LYS A 39 -7.40 22.40 11.76
N ASN A 40 -8.05 23.55 12.04
CA ASN A 40 -7.40 24.85 12.37
C ASN A 40 -6.25 25.10 11.39
N GLY A 41 -6.46 24.85 10.10
CA GLY A 41 -5.50 25.17 9.04
C GLY A 41 -4.43 24.15 8.84
N ARG A 42 -4.40 22.98 9.54
CA ARG A 42 -3.35 21.93 9.27
C ARG A 42 -3.96 20.53 8.96
N VAL A 43 -3.26 19.71 8.17
CA VAL A 43 -3.52 18.24 8.06
C VAL A 43 -2.89 17.50 9.24
N GLU A 44 -3.69 16.75 9.99
CA GLU A 44 -3.20 15.79 11.01
C GLU A 44 -3.45 14.36 10.52
N ILE A 45 -2.40 13.58 10.35
CA ILE A 45 -2.51 12.12 10.08
C ILE A 45 -2.68 11.45 11.44
N LEU A 46 -3.78 10.74 11.63
CA LEU A 46 -4.17 10.20 12.96
C LEU A 46 -3.58 8.81 13.21
N ASN A 47 -3.12 8.61 14.44
CA ASN A 47 -2.65 7.30 14.94
C ASN A 47 -3.88 6.41 15.13
N ASN A 48 -3.77 5.12 14.84
CA ASN A 48 -4.79 4.13 15.29
C ASN A 48 -4.58 3.89 16.80
N GLU A 49 -5.31 2.96 17.40
CA GLU A 49 -5.24 2.65 18.86
C GLU A 49 -3.86 2.09 19.24
N LEU A 50 -3.09 1.49 18.33
CA LEU A 50 -1.73 0.98 18.65
C LEU A 50 -0.66 2.04 18.36
N GLY A 51 -1.06 3.28 18.02
CA GLY A 51 -0.12 4.40 17.86
C GLY A 51 0.59 4.36 16.51
N ASN A 52 0.00 3.74 15.48
CA ASN A 52 0.58 3.75 14.09
C ASN A 52 -0.27 4.65 13.17
N ARG A 53 0.38 5.28 12.20
CA ARG A 53 -0.22 6.24 11.26
C ARG A 53 -0.78 5.51 10.03
N ILE A 54 -0.33 4.28 9.83
CA ILE A 54 -0.65 3.28 8.77
C ILE A 54 -1.36 2.10 9.47
N THR A 55 -2.55 1.69 9.01
CA THR A 55 -3.32 0.49 9.44
C THR A 55 -3.28 -0.55 8.33
N PRO A 56 -2.76 -1.78 8.57
CA PRO A 56 -2.85 -2.84 7.57
C PRO A 56 -4.30 -3.08 7.15
N SER A 57 -4.57 -3.23 5.86
CA SER A 57 -5.94 -3.40 5.33
C SER A 57 -6.31 -4.90 5.40
N TYR A 58 -6.35 -5.41 6.63
CA TYR A 58 -6.61 -6.83 6.93
C TYR A 58 -7.89 -6.92 7.76
N VAL A 59 -8.69 -7.94 7.50
CA VAL A 59 -9.87 -8.24 8.37
C VAL A 59 -9.86 -9.74 8.61
N SER A 60 -9.92 -10.16 9.87
CA SER A 60 -9.90 -11.61 10.20
C SER A 60 -11.25 -12.04 10.77
N PHE A 61 -11.65 -13.27 10.44
CA PHE A 61 -12.92 -13.90 10.85
C PHE A 61 -12.64 -15.25 11.54
N VAL A 62 -12.14 -15.18 12.77
CA VAL A 62 -11.60 -16.34 13.54
C VAL A 62 -12.38 -16.50 14.82
N ASP A 63 -12.91 -17.70 15.12
CA ASP A 63 -13.32 -18.06 16.51
C ASP A 63 -14.47 -17.13 16.93
N GLY A 64 -15.37 -16.76 16.00
CA GLY A 64 -16.50 -15.88 16.32
C GLY A 64 -16.17 -14.40 16.54
N GLU A 65 -14.92 -13.94 16.41
CA GLU A 65 -14.59 -12.49 16.51
C GLU A 65 -14.12 -11.95 15.14
N ARG A 66 -14.43 -10.69 14.89
CA ARG A 66 -13.94 -9.97 13.71
C ARG A 66 -12.88 -8.96 14.16
N LYS A 67 -11.71 -8.99 13.56
CA LYS A 67 -10.69 -7.96 13.87
C LYS A 67 -10.35 -7.22 12.59
N VAL A 68 -9.94 -5.97 12.74
CA VAL A 68 -9.53 -5.09 11.62
C VAL A 68 -8.14 -4.53 11.93
N GLY A 69 -7.24 -4.54 10.95
CA GLY A 69 -5.92 -3.89 11.07
C GLY A 69 -4.87 -4.84 11.56
N GLU A 70 -3.99 -4.35 12.41
CA GLU A 70 -2.79 -5.12 12.83
C GLU A 70 -3.20 -6.43 13.54
N ALA A 71 -4.21 -6.41 14.41
CA ALA A 71 -4.63 -7.63 15.14
C ALA A 71 -5.13 -8.66 14.11
N ALA A 72 -5.79 -8.21 13.04
CA ALA A 72 -6.23 -9.14 11.98
C ALA A 72 -4.98 -9.70 11.28
N LYS A 73 -4.03 -8.85 10.94
CA LYS A 73 -2.84 -9.30 10.21
C LYS A 73 -2.11 -10.38 10.99
N LEU A 74 -2.08 -10.28 12.30
CA LEU A 74 -1.33 -11.28 13.13
C LEU A 74 -2.02 -12.65 13.01
N GLU A 75 -3.34 -12.70 12.78
CA GLU A 75 -4.08 -13.98 12.62
C GLU A 75 -3.68 -14.72 11.34
N ALA A 76 -3.04 -14.06 10.37
CA ALA A 76 -2.78 -14.64 9.03
C ALA A 76 -1.91 -15.89 9.14
N THR A 77 -1.01 -15.94 10.12
CA THR A 77 0.00 -17.01 10.19
C THR A 77 -0.70 -18.33 10.50
N LEU A 78 -1.49 -18.38 11.55
CA LEU A 78 -2.20 -19.58 12.01
C LEU A 78 -3.59 -19.72 11.36
N HIS A 79 -4.23 -18.66 10.84
CA HIS A 79 -5.58 -18.76 10.22
C HIS A 79 -5.61 -18.14 8.82
N PRO A 80 -4.77 -18.65 7.86
CA PRO A 80 -4.64 -17.99 6.56
C PRO A 80 -5.95 -17.92 5.74
N THR A 81 -6.85 -18.90 5.88
CA THR A 81 -8.13 -18.95 5.10
C THR A 81 -9.17 -17.96 5.65
N GLN A 82 -9.05 -17.54 6.90
CA GLN A 82 -9.99 -16.64 7.60
C GLN A 82 -9.48 -15.19 7.62
N THR A 83 -8.31 -14.89 7.05
CA THR A 83 -7.69 -13.54 7.14
C THR A 83 -7.66 -12.91 5.75
N VAL A 84 -8.53 -11.93 5.57
CA VAL A 84 -8.81 -11.31 4.25
C VAL A 84 -7.94 -10.06 4.11
N PHE A 85 -7.34 -9.85 2.94
CA PHE A 85 -6.45 -8.71 2.64
C PHE A 85 -6.38 -8.54 1.12
N ASP A 86 -5.78 -7.43 0.65
CA ASP A 86 -5.60 -7.15 -0.81
C ASP A 86 -6.96 -7.18 -1.52
N VAL A 87 -8.03 -6.87 -0.83
CA VAL A 87 -9.39 -6.82 -1.44
C VAL A 87 -9.45 -5.78 -2.57
N LYS A 88 -8.61 -4.76 -2.51
CA LYS A 88 -8.56 -3.69 -3.55
C LYS A 88 -8.19 -4.30 -4.89
N ARG A 89 -7.51 -5.44 -4.89
CA ARG A 89 -7.23 -6.20 -6.11
C ARG A 89 -8.50 -6.75 -6.74
N LEU A 90 -9.59 -6.91 -5.98
CA LEU A 90 -10.81 -7.55 -6.52
C LEU A 90 -11.93 -6.54 -6.76
N ILE A 91 -11.94 -5.41 -6.07
CA ILE A 91 -13.10 -4.48 -5.97
C ILE A 91 -13.45 -3.98 -7.37
N GLY A 92 -14.71 -4.12 -7.73
CA GLY A 92 -15.32 -3.68 -8.99
C GLY A 92 -14.88 -4.50 -10.17
N ARG A 93 -14.20 -5.62 -9.98
CA ARG A 93 -13.77 -6.46 -11.14
C ARG A 93 -14.74 -7.63 -11.37
N LYS A 94 -14.50 -8.40 -12.43
CA LYS A 94 -15.22 -9.65 -12.78
C LYS A 94 -14.37 -10.86 -12.41
N PHE A 95 -15.03 -11.95 -12.01
CA PHE A 95 -14.35 -13.19 -11.58
C PHE A 95 -13.44 -13.74 -12.67
N ASP A 96 -13.81 -13.63 -13.93
CA ASP A 96 -13.04 -14.23 -15.06
C ASP A 96 -11.97 -13.26 -15.58
N ASP A 97 -11.89 -12.02 -15.08
CA ASP A 97 -10.82 -11.08 -15.52
C ASP A 97 -9.48 -11.76 -15.28
N GLN A 98 -8.56 -11.66 -16.23
CA GLN A 98 -7.22 -12.28 -16.17
C GLN A 98 -6.51 -11.85 -14.86
N GLU A 99 -6.61 -10.58 -14.44
CA GLU A 99 -5.97 -10.15 -13.15
C GLU A 99 -6.60 -10.92 -11.96
N VAL A 100 -7.91 -11.18 -11.97
CA VAL A 100 -8.60 -11.82 -10.81
C VAL A 100 -8.28 -13.32 -10.76
N VAL A 101 -8.19 -13.99 -11.93
CA VAL A 101 -7.75 -15.41 -12.06
C VAL A 101 -6.38 -15.54 -11.39
N LYS A 102 -5.46 -14.63 -11.69
CA LYS A 102 -4.09 -14.62 -11.10
C LYS A 102 -4.17 -14.39 -9.58
N ASP A 103 -4.94 -13.41 -9.10
CA ASP A 103 -5.08 -13.14 -7.63
C ASP A 103 -5.72 -14.34 -6.90
N ARG A 104 -6.69 -15.04 -7.49
CA ARG A 104 -7.28 -16.23 -6.80
C ARG A 104 -6.19 -17.27 -6.58
N SER A 105 -5.32 -17.49 -7.56
CA SER A 105 -4.21 -18.45 -7.41
C SER A 105 -3.22 -17.98 -6.33
N LEU A 106 -3.11 -16.69 -5.99
CA LEU A 106 -2.12 -16.19 -5.00
C LEU A 106 -2.72 -16.04 -3.59
N LEU A 107 -4.01 -15.76 -3.45
CA LEU A 107 -4.63 -15.39 -2.15
C LEU A 107 -5.10 -16.66 -1.46
N PRO A 108 -4.88 -16.81 -0.15
CA PRO A 108 -5.20 -18.05 0.56
C PRO A 108 -6.67 -18.18 1.04
N TYR A 109 -7.43 -17.08 1.04
CA TYR A 109 -8.85 -17.12 1.40
C TYR A 109 -9.63 -17.47 0.14
N GLU A 110 -10.79 -18.10 0.32
CA GLU A 110 -11.59 -18.58 -0.84
C GLU A 110 -12.28 -17.38 -1.50
N ILE A 111 -12.17 -17.31 -2.83
CA ILE A 111 -12.87 -16.34 -3.69
C ILE A 111 -13.84 -17.15 -4.57
N VAL A 112 -15.11 -16.81 -4.55
CA VAL A 112 -16.19 -17.49 -5.32
C VAL A 112 -16.78 -16.51 -6.35
N ASN A 113 -17.42 -17.09 -7.37
CA ASN A 113 -18.10 -16.43 -8.47
C ASN A 113 -19.56 -16.20 -8.05
N ASN A 114 -19.91 -14.97 -7.68
CA ASN A 114 -21.32 -14.58 -7.45
C ASN A 114 -21.78 -13.74 -8.65
N GLN A 115 -22.45 -14.37 -9.62
CA GLN A 115 -23.09 -13.67 -10.77
C GLN A 115 -22.04 -12.89 -11.58
N GLY A 116 -20.86 -13.47 -11.82
CA GLY A 116 -19.80 -12.87 -12.64
C GLY A 116 -18.76 -12.11 -11.82
N LYS A 117 -19.00 -11.89 -10.52
CA LYS A 117 -18.15 -11.02 -9.64
C LYS A 117 -17.48 -11.81 -8.52
N PRO A 118 -16.23 -11.45 -8.14
CA PRO A 118 -15.53 -12.19 -7.09
C PRO A 118 -16.14 -11.81 -5.74
N ASN A 119 -16.47 -12.80 -4.93
CA ASN A 119 -16.84 -12.57 -3.54
C ASN A 119 -15.87 -13.37 -2.66
N ILE A 120 -15.75 -12.96 -1.42
CA ILE A 120 -14.80 -13.58 -0.45
C ILE A 120 -15.64 -14.50 0.41
N LYS A 121 -15.19 -15.72 0.65
CA LYS A 121 -15.95 -16.65 1.51
C LYS A 121 -15.06 -17.04 2.69
N VAL A 122 -15.63 -16.94 3.89
CA VAL A 122 -14.98 -17.32 5.16
C VAL A 122 -16.03 -18.00 6.02
N GLN A 123 -15.62 -18.41 7.22
CA GLN A 123 -16.49 -19.02 8.25
C GLN A 123 -16.56 -18.07 9.42
N ILE A 124 -17.78 -17.85 9.92
CA ILE A 124 -18.02 -17.16 11.21
C ILE A 124 -18.76 -18.16 12.09
N LYS A 125 -18.16 -18.61 13.18
CA LYS A 125 -18.72 -19.71 14.04
C LYS A 125 -19.11 -20.89 13.12
N ASP A 126 -18.20 -21.26 12.20
CA ASP A 126 -18.26 -22.47 11.35
C ASP A 126 -19.22 -22.29 10.17
N LYS A 127 -20.04 -21.24 10.18
CA LYS A 127 -20.99 -20.94 9.09
C LYS A 127 -20.28 -20.28 7.91
N ASP A 128 -20.51 -20.81 6.72
CA ASP A 128 -20.06 -20.17 5.47
C ASP A 128 -20.73 -18.78 5.35
N THR A 129 -19.92 -17.75 5.10
CA THR A 129 -20.37 -16.35 4.99
C THR A 129 -19.61 -15.74 3.81
N THR A 130 -20.37 -15.17 2.89
CA THR A 130 -19.87 -14.56 1.63
C THR A 130 -19.97 -13.03 1.76
N PHE A 131 -18.92 -12.34 1.32
CA PHE A 131 -18.81 -10.87 1.30
C PHE A 131 -18.41 -10.40 -0.10
N ALA A 132 -19.05 -9.33 -0.55
CA ALA A 132 -18.54 -8.54 -1.71
C ALA A 132 -17.28 -7.84 -1.25
N PRO A 133 -16.32 -7.57 -2.14
CA PRO A 133 -15.13 -6.82 -1.78
C PRO A 133 -15.46 -5.49 -1.06
N GLU A 134 -16.51 -4.81 -1.49
CA GLU A 134 -16.86 -3.49 -0.91
C GLU A 134 -17.30 -3.67 0.54
N GLN A 135 -17.83 -4.83 0.91
CA GLN A 135 -18.20 -5.08 2.33
C GLN A 135 -16.92 -5.22 3.16
N ILE A 136 -15.85 -5.78 2.63
CA ILE A 136 -14.60 -5.88 3.44
C ILE A 136 -13.95 -4.50 3.50
N SER A 137 -13.86 -3.81 2.38
CA SER A 137 -13.30 -2.42 2.34
C SER A 137 -14.08 -1.52 3.29
N ALA A 138 -15.39 -1.72 3.41
CA ALA A 138 -16.24 -0.91 4.31
C ALA A 138 -15.77 -1.12 5.75
N MET A 139 -15.26 -2.31 6.09
CA MET A 139 -14.84 -2.56 7.47
C MET A 139 -13.56 -1.77 7.75
N VAL A 140 -12.67 -1.68 6.78
CA VAL A 140 -11.44 -0.82 6.87
C VAL A 140 -11.87 0.65 6.99
N LEU A 141 -12.81 1.10 6.16
CA LEU A 141 -13.25 2.52 6.15
C LEU A 141 -13.88 2.85 7.50
N GLU A 142 -14.59 1.90 8.09
N GLU A 142 -14.62 1.89 8.05
CA GLU A 142 -15.30 2.13 9.38
CA GLU A 142 -15.31 1.97 9.37
C GLU A 142 -14.25 2.27 10.50
C GLU A 142 -14.27 2.26 10.45
N LYS A 143 -13.15 1.52 10.45
CA LYS A 143 -12.08 1.70 11.46
C LYS A 143 -11.45 3.09 11.26
N MET A 144 -11.22 3.54 10.03
CA MET A 144 -10.61 4.87 9.83
C MET A 144 -11.60 5.95 10.29
N LYS A 145 -12.90 5.72 10.09
CA LYS A 145 -13.97 6.63 10.49
C LYS A 145 -13.94 6.78 12.00
N GLU A 146 -13.86 5.66 12.72
CA GLU A 146 -13.83 5.64 14.19
C GLU A 146 -12.59 6.37 14.71
N ILE A 147 -11.40 6.18 14.10
CA ILE A 147 -10.18 6.94 14.52
C ILE A 147 -10.47 8.43 14.41
N ALA A 148 -11.06 8.89 13.31
CA ALA A 148 -11.41 10.32 13.10
C ALA A 148 -12.41 10.83 14.17
N GLN A 149 -13.48 10.08 14.43
CA GLN A 149 -14.61 10.48 15.31
C GLN A 149 -14.12 10.67 16.73
N SER A 150 -13.29 9.74 17.17
CA SER A 150 -12.68 9.73 18.49
C SER A 150 -11.71 10.92 18.61
N PHE A 151 -10.85 11.16 17.62
CA PHE A 151 -9.94 12.33 17.61
C PHE A 151 -10.75 13.63 17.57
N LEU A 152 -11.74 13.77 16.70
CA LEU A 152 -12.47 15.06 16.54
C LEU A 152 -13.51 15.23 17.66
N GLY A 153 -13.85 14.15 18.37
CA GLY A 153 -14.91 14.09 19.38
C GLY A 153 -16.29 14.40 18.81
N LYS A 154 -16.58 14.06 17.56
CA LYS A 154 -17.94 14.21 16.95
C LYS A 154 -18.15 13.19 15.83
N PRO A 155 -19.39 12.97 15.36
CA PRO A 155 -19.61 11.98 14.31
C PRO A 155 -19.06 12.50 12.97
N VAL A 156 -18.59 11.57 12.14
CA VAL A 156 -18.06 11.85 10.78
C VAL A 156 -18.93 11.11 9.77
N LYS A 157 -19.50 11.83 8.83
CA LYS A 157 -20.40 11.28 7.79
C LYS A 157 -19.82 11.53 6.40
N ASN A 158 -18.72 12.27 6.23
CA ASN A 158 -18.23 12.65 4.88
C ASN A 158 -16.72 12.39 4.74
N ALA A 159 -16.24 12.05 3.55
CA ALA A 159 -14.83 11.69 3.32
C ALA A 159 -14.50 11.93 1.88
N VAL A 160 -13.25 12.33 1.63
CA VAL A 160 -12.53 12.17 0.35
C VAL A 160 -11.77 10.85 0.42
N VAL A 161 -11.90 10.00 -0.59
CA VAL A 161 -11.20 8.70 -0.62
C VAL A 161 -10.45 8.63 -1.94
N THR A 162 -9.24 8.09 -1.87
CA THR A 162 -8.34 8.00 -3.04
C THR A 162 -8.60 6.68 -3.78
N VAL A 163 -8.29 6.65 -5.07
CA VAL A 163 -8.23 5.42 -5.88
C VAL A 163 -7.05 5.57 -6.81
N PRO A 164 -6.53 4.45 -7.35
CA PRO A 164 -5.56 4.51 -8.43
C PRO A 164 -6.14 5.17 -9.68
N ALA A 165 -5.27 5.86 -10.41
CA ALA A 165 -5.65 6.61 -11.65
C ALA A 165 -6.21 5.63 -12.69
N TYR A 166 -5.83 4.36 -12.65
CA TYR A 166 -6.28 3.34 -13.64
C TYR A 166 -7.65 2.78 -13.23
N PHE A 167 -8.21 3.13 -12.06
CA PHE A 167 -9.55 2.63 -11.68
C PHE A 167 -10.60 3.08 -12.73
N ASN A 168 -11.45 2.14 -13.16
CA ASN A 168 -12.56 2.41 -14.11
C ASN A 168 -13.80 2.80 -13.30
N ASP A 169 -14.91 3.10 -13.97
CA ASP A 169 -16.12 3.55 -13.26
C ASP A 169 -16.62 2.45 -12.29
N ALA A 170 -16.57 1.17 -12.64
CA ALA A 170 -17.09 0.11 -11.75
C ALA A 170 -16.19 0.03 -10.49
N GLN A 171 -14.90 0.25 -10.63
CA GLN A 171 -13.98 0.19 -9.46
C GLN A 171 -14.22 1.42 -8.56
N ARG A 172 -14.44 2.59 -9.15
CA ARG A 172 -14.73 3.82 -8.38
C ARG A 172 -16.10 3.68 -7.73
N GLN A 173 -17.10 3.15 -8.45
CA GLN A 173 -18.46 3.04 -7.84
C GLN A 173 -18.40 2.02 -6.67
N ALA A 174 -17.70 0.90 -6.82
CA ALA A 174 -17.64 -0.10 -5.71
C ALA A 174 -16.92 0.54 -4.52
N THR A 175 -15.99 1.46 -4.76
CA THR A 175 -15.33 2.19 -3.66
C THR A 175 -16.33 3.13 -2.99
N LYS A 176 -17.15 3.82 -3.77
CA LYS A 176 -18.20 4.67 -3.17
C LYS A 176 -19.18 3.83 -2.36
N ASP A 177 -19.53 2.62 -2.86
CA ASP A 177 -20.48 1.71 -2.15
C ASP A 177 -19.84 1.25 -0.84
N ALA A 178 -18.53 0.99 -0.81
CA ALA A 178 -17.83 0.67 0.47
C ALA A 178 -18.03 1.81 1.46
N GLY A 179 -17.84 3.04 1.02
CA GLY A 179 -18.12 4.20 1.88
C GLY A 179 -19.56 4.21 2.38
N THR A 180 -20.57 4.12 1.51
CA THR A 180 -21.99 4.08 1.96
C THR A 180 -22.19 3.02 3.06
N ILE A 181 -21.67 1.79 2.88
CA ILE A 181 -21.85 0.67 3.87
C ILE A 181 -21.20 1.12 5.18
N ALA A 182 -20.08 1.85 5.11
CA ALA A 182 -19.38 2.28 6.34
C ALA A 182 -20.05 3.52 6.96
N GLY A 183 -21.13 4.05 6.39
CA GLY A 183 -21.82 5.26 6.92
C GLY A 183 -21.08 6.53 6.49
N LEU A 184 -20.32 6.47 5.39
CA LEU A 184 -19.55 7.60 4.84
C LEU A 184 -20.13 8.01 3.49
N ASN A 185 -20.50 9.25 3.35
CA ASN A 185 -20.78 9.84 2.02
C ASN A 185 -19.41 10.19 1.46
N ILE A 186 -18.99 9.55 0.37
CA ILE A 186 -17.72 9.92 -0.29
C ILE A 186 -18.07 11.08 -1.21
N VAL A 187 -17.81 12.31 -0.74
CA VAL A 187 -18.17 13.55 -1.47
C VAL A 187 -17.23 13.72 -2.69
N ARG A 188 -16.07 13.07 -2.69
CA ARG A 188 -15.13 13.15 -3.84
C ARG A 188 -14.18 11.95 -3.81
N ILE A 189 -14.01 11.35 -4.98
CA ILE A 189 -12.96 10.35 -5.27
C ILE A 189 -11.87 11.12 -5.98
N ILE A 190 -10.62 11.05 -5.53
CA ILE A 190 -9.52 11.64 -6.32
C ILE A 190 -8.48 10.56 -6.54
N ASN A 191 -7.76 10.68 -7.64
CA ASN A 191 -6.72 9.70 -7.95
C ASN A 191 -5.52 9.96 -7.04
N GLU A 192 -4.73 8.91 -6.82
CA GLU A 192 -3.53 8.90 -5.96
C GLU A 192 -2.50 9.90 -6.50
N PRO A 193 -2.26 10.03 -7.81
CA PRO A 193 -1.35 11.07 -8.29
C PRO A 193 -1.73 12.51 -7.93
N THR A 194 -3.00 12.85 -8.12
CA THR A 194 -3.56 14.13 -7.73
C THR A 194 -3.35 14.35 -6.23
N ALA A 195 -3.72 13.38 -5.41
CA ALA A 195 -3.54 13.50 -3.93
C ALA A 195 -2.06 13.80 -3.56
N ALA A 196 -1.11 13.12 -4.21
CA ALA A 196 0.34 13.31 -3.96
C ALA A 196 0.70 14.77 -4.31
N ALA A 197 0.23 15.25 -5.44
CA ALA A 197 0.51 16.62 -5.93
C ALA A 197 -0.03 17.64 -4.93
N LEU A 198 -1.22 17.44 -4.36
CA LEU A 198 -1.81 18.35 -3.35
C LEU A 198 -0.93 18.28 -2.10
N ALA A 199 -0.45 17.10 -1.72
CA ALA A 199 0.28 16.92 -0.44
C ALA A 199 1.58 17.73 -0.53
N TYR A 200 2.29 17.63 -1.65
CA TYR A 200 3.59 18.30 -1.90
C TYR A 200 3.41 19.76 -2.32
N GLY A 201 2.17 20.27 -2.39
CA GLY A 201 1.83 21.65 -2.75
C GLY A 201 2.41 22.01 -4.10
N LEU A 202 2.43 21.10 -5.07
CA LEU A 202 2.96 21.43 -6.43
C LEU A 202 2.19 22.65 -6.94
N ASP A 203 2.91 23.62 -7.49
CA ASP A 203 2.35 24.92 -7.94
C ASP A 203 1.32 24.62 -9.05
N LYS A 204 0.15 25.21 -8.93
CA LYS A 204 -1.03 24.91 -9.77
C LYS A 204 -1.09 25.88 -10.96
N LYS A 205 -0.33 26.98 -10.94
CA LYS A 205 -0.36 27.99 -12.05
C LYS A 205 0.49 27.49 -13.21
N GLU A 206 0.19 27.92 -14.44
CA GLU A 206 0.95 27.54 -15.65
C GLU A 206 0.85 26.02 -15.82
N GLU A 207 1.75 25.43 -16.62
CA GLU A 207 1.69 24.00 -17.00
C GLU A 207 2.94 23.28 -16.49
N THR A 208 2.73 22.17 -15.80
CA THR A 208 3.79 21.33 -15.20
C THR A 208 3.43 19.87 -15.50
N SER A 209 4.41 19.10 -15.96
CA SER A 209 4.37 17.64 -16.16
C SER A 209 5.12 16.95 -15.03
N ILE A 210 4.44 16.11 -14.26
CA ILE A 210 4.98 15.43 -13.07
C ILE A 210 4.97 13.93 -13.35
N LEU A 211 6.08 13.24 -13.09
CA LEU A 211 6.07 11.76 -13.04
C LEU A 211 5.84 11.35 -11.59
N VAL A 212 4.73 10.66 -11.30
CA VAL A 212 4.43 10.21 -9.91
C VAL A 212 4.83 8.73 -9.83
N TYR A 213 5.90 8.44 -9.08
CA TYR A 213 6.49 7.08 -8.92
C TYR A 213 6.05 6.57 -7.55
N ASP A 214 5.15 5.60 -7.54
CA ASP A 214 4.41 5.15 -6.33
C ASP A 214 4.71 3.66 -6.10
N LEU A 215 5.60 3.38 -5.17
CA LEU A 215 6.06 2.00 -4.91
C LEU A 215 5.67 1.71 -3.46
N GLY A 216 4.63 0.90 -3.31
CA GLY A 216 4.09 0.57 -2.00
C GLY A 216 4.59 -0.78 -1.52
N GLY A 217 3.83 -1.39 -0.60
CA GLY A 217 4.12 -2.72 -0.02
C GLY A 217 3.83 -3.82 -1.03
N GLY A 218 2.81 -3.66 -1.85
CA GLY A 218 2.39 -4.78 -2.73
C GLY A 218 2.35 -4.40 -4.19
N THR A 219 2.32 -3.12 -4.53
CA THR A 219 2.09 -2.67 -5.93
C THR A 219 2.99 -1.51 -6.28
N PHE A 220 3.20 -1.37 -7.58
CA PHE A 220 3.97 -0.31 -8.18
C PHE A 220 3.09 0.38 -9.22
N ASP A 221 2.97 1.69 -9.11
CA ASP A 221 2.24 2.55 -10.07
C ASP A 221 3.11 3.74 -10.44
N VAL A 222 3.13 4.07 -11.73
CA VAL A 222 3.72 5.32 -12.19
C VAL A 222 2.70 6.03 -13.07
N SER A 223 2.60 7.35 -12.98
CA SER A 223 1.66 8.15 -13.76
C SER A 223 2.40 9.38 -14.30
N ILE A 224 1.97 9.91 -15.44
CA ILE A 224 2.33 11.29 -15.84
C ILE A 224 1.12 12.15 -15.51
N LEU A 225 1.32 13.08 -14.62
CA LEU A 225 0.26 13.99 -14.16
C LEU A 225 0.58 15.36 -14.73
N VAL A 226 -0.37 15.97 -15.43
CA VAL A 226 -0.14 17.38 -15.82
C VAL A 226 -1.09 18.30 -15.09
N ILE A 227 -0.48 19.34 -14.55
CA ILE A 227 -1.17 20.41 -13.81
C ILE A 227 -1.15 21.63 -14.71
N ASP A 228 -2.32 22.15 -14.99
CA ASP A 228 -2.50 23.23 -16.01
C ASP A 228 -3.51 24.21 -15.42
N ASN A 229 -3.03 25.32 -14.87
CA ASN A 229 -3.88 26.39 -14.33
C ASN A 229 -4.90 25.75 -13.38
N GLY A 230 -4.44 24.85 -12.51
CA GLY A 230 -5.24 24.32 -11.38
C GLY A 230 -6.07 23.10 -11.79
N VAL A 231 -6.03 22.71 -13.05
CA VAL A 231 -6.68 21.48 -13.55
C VAL A 231 -5.62 20.37 -13.59
N PHE A 232 -5.93 19.25 -12.95
CA PHE A 232 -5.08 18.03 -12.85
C PHE A 232 -5.57 16.98 -13.82
N GLU A 233 -4.69 16.49 -14.67
CA GLU A 233 -5.02 15.43 -15.63
C GLU A 233 -3.91 14.39 -15.63
N VAL A 234 -4.25 13.15 -15.35
CA VAL A 234 -3.33 12.02 -15.61
C VAL A 234 -3.37 11.61 -17.09
N TYR A 235 -2.28 11.85 -17.80
CA TYR A 235 -2.12 11.64 -19.26
C TYR A 235 -1.84 10.17 -19.58
N ALA A 236 -1.26 9.43 -18.65
CA ALA A 236 -0.80 8.06 -18.85
C ALA A 236 -0.49 7.43 -17.49
N THR A 237 -0.71 6.14 -17.44
CA THR A 237 -0.58 5.33 -16.22
C THR A 237 -0.03 3.96 -16.66
N ALA A 238 0.83 3.36 -15.86
CA ALA A 238 1.31 1.97 -16.04
C ALA A 238 1.83 1.52 -14.67
N GLY A 239 2.19 0.26 -14.54
CA GLY A 239 2.64 -0.24 -13.24
C GLY A 239 2.89 -1.73 -13.25
N ASN A 240 3.01 -2.33 -12.08
CA ASN A 240 3.21 -3.76 -11.86
C ASN A 240 2.48 -4.05 -10.56
N THR A 241 1.42 -4.83 -10.66
CA THR A 241 0.47 -5.10 -9.57
C THR A 241 1.11 -6.07 -8.57
N HIS A 242 2.23 -6.73 -8.87
CA HIS A 242 2.88 -7.67 -7.91
C HIS A 242 4.36 -7.24 -7.72
N LEU A 243 4.62 -5.98 -7.42
CA LEU A 243 6.00 -5.49 -7.17
C LEU A 243 5.91 -4.41 -6.10
N GLY A 244 6.44 -4.68 -4.92
CA GLY A 244 6.50 -3.74 -3.81
C GLY A 244 7.42 -4.23 -2.73
N GLY A 245 7.41 -3.50 -1.63
CA GLY A 245 8.26 -3.73 -0.46
C GLY A 245 8.24 -5.18 -0.03
N GLU A 246 7.07 -5.83 -0.07
CA GLU A 246 6.90 -7.22 0.45
C GLU A 246 7.74 -8.17 -0.40
N ASP A 247 7.87 -7.92 -1.70
CA ASP A 247 8.71 -8.73 -2.62
C ASP A 247 10.20 -8.59 -2.22
N PHE A 248 10.64 -7.39 -1.85
CA PHE A 248 12.02 -7.13 -1.39
C PHE A 248 12.30 -7.94 -0.12
N ASP A 249 11.37 -7.95 0.83
CA ASP A 249 11.48 -8.75 2.08
C ASP A 249 11.58 -10.24 1.74
N GLN A 250 10.71 -10.73 0.88
CA GLN A 250 10.67 -12.17 0.52
C GLN A 250 12.02 -12.57 -0.09
N ARG A 251 12.69 -11.70 -0.87
CA ARG A 251 14.01 -12.05 -1.42
C ARG A 251 15.03 -12.24 -0.29
N VAL A 252 14.93 -11.43 0.76
CA VAL A 252 15.86 -11.51 1.92
C VAL A 252 15.53 -12.79 2.69
N MET A 253 14.25 -13.03 2.93
N MET A 253 14.26 -13.07 2.92
CA MET A 253 13.72 -14.25 3.60
CA MET A 253 13.88 -14.29 3.66
C MET A 253 14.29 -15.49 2.90
C MET A 253 14.34 -15.53 2.89
N ASP A 254 14.16 -15.55 1.56
CA ASP A 254 14.64 -16.70 0.75
C ASP A 254 16.14 -16.94 1.02
N TYR A 255 16.94 -15.87 1.03
CA TYR A 255 18.39 -15.94 1.26
C TYR A 255 18.67 -16.52 2.66
N PHE A 256 17.99 -16.01 3.69
CA PHE A 256 18.32 -16.36 5.09
C PHE A 256 17.80 -17.77 5.41
N ILE A 257 16.71 -18.16 4.77
CA ILE A 257 16.18 -19.53 4.95
C ILE A 257 17.17 -20.53 4.34
N LYS A 258 17.70 -20.25 3.16
CA LYS A 258 18.78 -21.07 2.55
C LYS A 258 19.98 -21.13 3.52
N MET A 259 20.44 -19.98 4.01
CA MET A 259 21.64 -19.95 4.87
C MET A 259 21.39 -20.76 6.17
N PHE A 260 20.24 -20.60 6.82
CA PHE A 260 20.00 -21.27 8.12
C PHE A 260 19.97 -22.78 7.91
N LYS A 261 19.44 -23.24 6.79
CA LYS A 261 19.40 -24.68 6.41
C LYS A 261 20.84 -25.19 6.23
N LYS A 262 21.67 -24.44 5.49
CA LYS A 262 23.07 -24.83 5.22
C LYS A 262 23.82 -24.98 6.53
N LYS A 263 23.60 -24.10 7.50
CA LYS A 263 24.44 -24.07 8.72
C LYS A 263 23.92 -25.00 9.81
N ASN A 264 22.60 -25.15 9.92
CA ASN A 264 21.95 -25.77 11.10
C ASN A 264 21.13 -27.01 10.73
N ASN A 265 20.96 -27.30 9.46
CA ASN A 265 20.15 -28.46 8.99
C ASN A 265 18.69 -28.27 9.43
N ILE A 266 18.24 -27.01 9.54
CA ILE A 266 16.85 -26.65 9.86
C ILE A 266 16.29 -25.83 8.71
N ASP A 267 15.15 -26.27 8.18
CA ASP A 267 14.41 -25.58 7.09
C ASP A 267 13.30 -24.74 7.75
N LEU A 268 13.47 -23.42 7.87
CA LEU A 268 12.53 -22.64 8.72
C LEU A 268 11.12 -22.63 8.09
N ARG A 269 10.97 -22.96 6.82
CA ARG A 269 9.64 -23.04 6.19
C ARG A 269 8.78 -24.12 6.85
N THR A 270 9.37 -25.09 7.56
CA THR A 270 8.60 -26.18 8.20
C THR A 270 7.90 -25.66 9.46
N ASP A 271 8.18 -24.43 9.92
CA ASP A 271 7.54 -23.85 11.13
C ASP A 271 6.98 -22.46 10.81
N LYS A 272 5.66 -22.33 10.71
CA LYS A 272 4.96 -21.09 10.26
C LYS A 272 5.26 -19.94 11.24
N ARG A 273 5.32 -20.23 12.54
CA ARG A 273 5.67 -19.26 13.62
C ARG A 273 7.11 -18.75 13.39
N ALA A 274 8.03 -19.61 12.97
CA ALA A 274 9.43 -19.19 12.82
C ALA A 274 9.48 -18.19 11.67
N ILE A 275 8.80 -18.52 10.58
CA ILE A 275 8.68 -17.64 9.38
C ILE A 275 8.12 -16.29 9.79
N GLN A 276 7.03 -16.25 10.56
CA GLN A 276 6.37 -14.97 10.97
C GLN A 276 7.40 -14.14 11.77
N LYS A 277 8.14 -14.73 12.70
CA LYS A 277 9.11 -13.96 13.52
C LYS A 277 10.23 -13.45 12.60
N LEU A 278 10.72 -14.25 11.66
CA LEU A 278 11.80 -13.81 10.75
C LEU A 278 11.28 -12.67 9.87
N ARG A 279 10.07 -12.76 9.34
CA ARG A 279 9.55 -11.74 8.41
C ARG A 279 9.49 -10.39 9.14
N LYS A 280 9.11 -10.38 10.42
CA LYS A 280 9.03 -9.15 11.19
C LYS A 280 10.42 -8.50 11.31
N GLU A 281 11.44 -9.29 11.64
CA GLU A 281 12.83 -8.78 11.85
C GLU A 281 13.41 -8.38 10.50
N VAL A 282 13.06 -9.07 9.43
CA VAL A 282 13.60 -8.77 8.07
C VAL A 282 13.04 -7.42 7.59
N GLU A 283 11.77 -7.15 7.85
CA GLU A 283 11.10 -5.87 7.50
C GLU A 283 11.79 -4.71 8.22
N ILE A 284 12.08 -4.90 9.51
CA ILE A 284 12.82 -3.91 10.35
C ILE A 284 14.24 -3.74 9.79
N ALA A 285 14.93 -4.80 9.39
CA ALA A 285 16.32 -4.68 8.87
C ALA A 285 16.29 -3.92 7.55
N LYS A 286 15.31 -4.20 6.69
CA LYS A 286 15.20 -3.49 5.41
C LYS A 286 15.11 -1.97 5.67
N ARG A 287 14.24 -1.59 6.59
CA ARG A 287 14.01 -0.17 6.92
C ARG A 287 15.33 0.44 7.42
N ASN A 288 15.97 -0.20 8.39
CA ASN A 288 17.27 0.25 8.92
C ASN A 288 18.25 0.49 7.76
N LEU A 289 18.24 -0.34 6.71
CA LEU A 289 19.26 -0.28 5.65
C LEU A 289 18.97 0.84 4.67
N SER A 290 17.85 1.54 4.84
CA SER A 290 17.58 2.82 4.14
C SER A 290 18.38 3.97 4.80
N VAL A 291 19.01 3.75 5.95
CA VAL A 291 19.74 4.78 6.73
C VAL A 291 21.19 4.31 6.99
N VAL A 292 21.38 3.09 7.52
CA VAL A 292 22.72 2.47 7.79
C VAL A 292 23.10 1.47 6.70
N HIS A 293 24.30 0.93 6.83
CA HIS A 293 24.97 0.07 5.85
C HIS A 293 24.94 -1.39 6.29
N SER A 294 24.73 -1.63 7.59
N SER A 294 24.75 -1.63 7.59
CA SER A 294 24.84 -2.97 8.21
CA SER A 294 24.82 -2.98 8.20
C SER A 294 23.88 -3.04 9.39
C SER A 294 23.85 -3.04 9.39
N THR A 295 23.14 -4.14 9.53
CA THR A 295 22.17 -4.28 10.62
C THR A 295 22.16 -5.75 11.03
N GLN A 296 21.86 -5.99 12.30
CA GLN A 296 21.75 -7.35 12.87
C GLN A 296 20.26 -7.76 12.82
N ILE A 297 20.00 -8.99 12.38
CA ILE A 297 18.67 -9.64 12.44
C ILE A 297 18.76 -10.71 13.51
N GLU A 298 18.06 -10.55 14.64
CA GLU A 298 18.19 -11.48 15.79
C GLU A 298 16.83 -11.96 16.30
N ILE A 299 16.70 -13.27 16.50
CA ILE A 299 15.51 -13.91 17.13
C ILE A 299 16.04 -15.00 18.06
N GLU A 300 15.82 -14.82 19.35
CA GLU A 300 16.05 -15.87 20.35
C GLU A 300 15.07 -17.00 20.07
N ASP A 301 15.53 -18.25 20.01
CA ASP A 301 14.64 -19.43 19.94
C ASP A 301 13.69 -19.30 18.74
N ILE A 302 14.24 -19.04 17.56
CA ILE A 302 13.40 -18.92 16.35
C ILE A 302 12.67 -20.26 16.20
N VAL A 303 13.34 -21.36 16.53
CA VAL A 303 12.70 -22.63 17.01
C VAL A 303 13.39 -22.97 18.33
N GLU A 304 12.86 -23.90 19.13
CA GLU A 304 13.36 -24.17 20.51
C GLU A 304 14.84 -24.59 20.42
N GLY A 305 15.73 -23.94 21.19
CA GLY A 305 17.14 -24.34 21.28
C GLY A 305 17.97 -23.78 20.13
N HIS A 306 17.41 -22.93 19.25
CA HIS A 306 18.17 -22.37 18.10
C HIS A 306 17.84 -20.91 17.90
N ASN A 307 18.87 -20.10 18.01
CA ASN A 307 18.83 -18.64 17.84
C ASN A 307 19.11 -18.35 16.37
N PHE A 308 18.48 -17.29 15.89
CA PHE A 308 18.78 -16.73 14.57
C PHE A 308 19.59 -15.48 14.81
N SER A 309 20.73 -15.37 14.18
CA SER A 309 21.61 -14.20 14.37
C SER A 309 22.43 -13.99 13.12
N GLU A 310 22.11 -12.98 12.33
CA GLU A 310 22.80 -12.68 11.05
C GLU A 310 22.98 -11.16 10.88
N THR A 311 23.94 -10.81 10.07
CA THR A 311 24.20 -9.45 9.59
C THR A 311 23.67 -9.36 8.17
N LEU A 312 22.91 -8.34 7.86
CA LEU A 312 22.59 -7.98 6.46
C LEU A 312 23.20 -6.61 6.17
N THR A 313 23.91 -6.50 5.06
CA THR A 313 24.44 -5.24 4.54
C THR A 313 23.47 -4.68 3.50
N ARG A 314 23.60 -3.39 3.27
CA ARG A 314 22.89 -2.70 2.19
C ARG A 314 23.30 -3.34 0.88
N ALA A 315 24.58 -3.65 0.70
CA ALA A 315 25.05 -4.20 -0.60
C ALA A 315 24.36 -5.55 -0.86
N LYS A 316 24.25 -6.44 0.12
CA LYS A 316 23.59 -7.75 -0.09
C LYS A 316 22.08 -7.54 -0.27
N PHE A 317 21.47 -6.64 0.51
CA PHE A 317 20.04 -6.25 0.29
C PHE A 317 19.83 -5.83 -1.17
N GLU A 318 20.70 -4.97 -1.71
CA GLU A 318 20.60 -4.51 -3.12
C GLU A 318 20.86 -5.66 -4.07
N GLU A 319 21.89 -6.46 -3.81
CA GLU A 319 22.23 -7.56 -4.74
C GLU A 319 21.03 -8.49 -4.84
N LEU A 320 20.32 -8.76 -3.76
CA LEU A 320 19.20 -9.72 -3.69
C LEU A 320 17.98 -9.20 -4.45
N ASN A 321 17.89 -7.89 -4.68
CA ASN A 321 16.66 -7.22 -5.19
C ASN A 321 16.90 -6.40 -6.48
N ASP A 322 18.11 -6.33 -6.99
CA ASP A 322 18.52 -5.35 -8.02
C ASP A 322 17.67 -5.57 -9.29
N ASP A 323 17.34 -6.81 -9.67
CA ASP A 323 16.47 -7.07 -10.86
C ASP A 323 15.08 -6.47 -10.62
N LEU A 324 14.50 -6.63 -9.43
CA LEU A 324 13.17 -6.06 -9.07
C LEU A 324 13.26 -4.54 -9.06
N PHE A 325 14.33 -3.94 -8.51
CA PHE A 325 14.45 -2.46 -8.55
C PHE A 325 14.40 -1.99 -10.03
N ARG A 326 15.15 -2.67 -10.91
CA ARG A 326 15.30 -2.22 -12.33
C ARG A 326 13.99 -2.46 -13.07
N GLU A 327 13.19 -3.44 -12.66
CA GLU A 327 11.88 -3.71 -13.29
C GLU A 327 11.00 -2.46 -13.14
N THR A 328 11.19 -1.64 -12.10
CA THR A 328 10.32 -0.45 -11.92
C THR A 328 10.48 0.50 -13.11
N LEU A 329 11.59 0.41 -13.85
CA LEU A 329 11.86 1.33 -14.99
C LEU A 329 11.02 0.95 -16.20
N GLU A 330 10.55 -0.31 -16.33
CA GLU A 330 9.74 -0.76 -17.50
C GLU A 330 8.43 0.01 -17.55
N PRO A 331 7.61 0.11 -16.48
CA PRO A 331 6.42 0.97 -16.54
C PRO A 331 6.77 2.45 -16.78
N VAL A 332 7.94 2.90 -16.36
CA VAL A 332 8.33 4.33 -16.57
C VAL A 332 8.52 4.59 -18.06
N LYS A 333 9.24 3.73 -18.78
CA LYS A 333 9.40 3.83 -20.26
C LYS A 333 8.03 3.73 -20.92
N LYS A 334 7.14 2.87 -20.43
CA LYS A 334 5.80 2.71 -21.04
C LYS A 334 5.00 4.02 -20.88
N VAL A 335 4.99 4.68 -19.73
CA VAL A 335 4.13 5.89 -19.60
C VAL A 335 4.73 7.01 -20.46
N LEU A 336 6.06 7.17 -20.52
CA LEU A 336 6.73 8.12 -21.45
C LEU A 336 6.39 7.80 -22.90
N ASP A 337 6.45 6.53 -23.33
CA ASP A 337 6.06 6.15 -24.70
C ASP A 337 4.55 6.47 -24.94
N ASP A 338 3.65 6.08 -24.02
CA ASP A 338 2.17 6.29 -24.17
C ASP A 338 1.85 7.79 -24.33
N ALA A 339 2.57 8.70 -23.66
CA ALA A 339 2.25 10.15 -23.66
C ALA A 339 3.08 10.86 -24.73
N LYS A 340 3.89 10.10 -25.48
CA LYS A 340 4.86 10.60 -26.50
C LYS A 340 5.75 11.67 -25.87
N TYR A 341 6.29 11.39 -24.70
CA TYR A 341 7.13 12.33 -23.92
C TYR A 341 8.59 11.94 -24.10
N GLU A 342 9.46 12.93 -24.18
CA GLU A 342 10.92 12.78 -24.01
C GLU A 342 11.15 12.80 -22.50
N LYS A 343 12.22 12.20 -22.01
CA LYS A 343 12.58 12.28 -20.58
C LYS A 343 12.63 13.72 -20.12
N SER A 344 13.15 14.64 -20.95
CA SER A 344 13.41 16.05 -20.56
C SER A 344 12.09 16.80 -20.39
N LYS A 345 11.01 16.29 -20.98
CA LYS A 345 9.67 16.90 -20.85
C LYS A 345 9.20 16.79 -19.40
N ILE A 346 9.67 15.81 -18.60
CA ILE A 346 9.22 15.72 -17.18
C ILE A 346 9.86 16.88 -16.44
N ASP A 347 9.06 17.73 -15.78
CA ASP A 347 9.52 18.91 -15.01
C ASP A 347 9.92 18.46 -13.61
N GLU A 348 9.22 17.48 -13.02
CA GLU A 348 9.68 16.90 -11.76
C GLU A 348 9.17 15.48 -11.58
N ILE A 349 9.85 14.77 -10.70
CA ILE A 349 9.54 13.37 -10.31
C ILE A 349 9.18 13.45 -8.86
N VAL A 350 8.02 12.89 -8.52
N VAL A 350 7.96 13.04 -8.49
CA VAL A 350 7.55 12.85 -7.13
CA VAL A 350 7.60 12.90 -7.05
C VAL A 350 7.44 11.37 -6.73
C VAL A 350 7.47 11.40 -6.73
N LEU A 351 8.01 11.04 -5.56
CA LEU A 351 8.08 9.68 -5.00
C LEU A 351 7.03 9.58 -3.91
N VAL A 352 6.28 8.50 -3.89
CA VAL A 352 5.28 8.19 -2.83
C VAL A 352 5.39 6.68 -2.56
N GLY A 353 5.01 6.26 -1.38
CA GLY A 353 5.26 4.89 -0.90
C GLY A 353 6.53 4.84 -0.09
N GLY A 354 6.48 4.11 1.01
CA GLY A 354 7.61 3.84 1.92
C GLY A 354 8.81 3.29 1.19
N SER A 355 8.62 2.49 0.15
CA SER A 355 9.71 1.76 -0.54
C SER A 355 10.57 2.74 -1.35
N THR A 356 10.10 3.95 -1.64
CA THR A 356 10.90 4.98 -2.32
C THR A 356 11.98 5.54 -1.39
N ARG A 357 11.95 5.21 -0.11
CA ARG A 357 13.05 5.61 0.84
C ARG A 357 14.28 4.74 0.60
N ILE A 358 14.17 3.66 -0.16
CA ILE A 358 15.35 2.79 -0.49
C ILE A 358 16.31 3.63 -1.33
N PRO A 359 17.57 3.87 -0.88
CA PRO A 359 18.49 4.70 -1.63
C PRO A 359 18.75 4.20 -3.04
N LYS A 360 18.84 2.89 -3.26
CA LYS A 360 19.07 2.37 -4.64
C LYS A 360 17.92 2.75 -5.61
N ILE A 361 16.69 2.84 -5.12
CA ILE A 361 15.50 3.19 -5.95
C ILE A 361 15.67 4.65 -6.43
N GLN A 362 15.99 5.53 -5.53
CA GLN A 362 16.20 6.94 -5.91
C GLN A 362 17.33 7.07 -6.92
N GLN A 363 18.40 6.32 -6.70
CA GLN A 363 19.60 6.38 -7.58
C GLN A 363 19.23 5.86 -8.96
N ILE A 364 18.51 4.76 -9.05
CA ILE A 364 18.11 4.24 -10.37
C ILE A 364 17.21 5.23 -11.12
N ILE A 365 16.27 5.91 -10.44
CA ILE A 365 15.36 6.92 -11.08
C ILE A 365 16.19 8.12 -11.58
N LYS A 366 17.02 8.69 -10.73
CA LYS A 366 17.96 9.81 -11.04
C LYS A 366 18.77 9.46 -12.28
N GLU A 367 19.37 8.28 -12.33
CA GLU A 367 20.21 7.88 -13.50
C GLU A 367 19.32 7.73 -14.75
N PHE A 368 18.13 7.15 -14.64
CA PHE A 368 17.24 6.97 -15.82
C PHE A 368 16.89 8.35 -16.43
N PHE A 369 16.77 9.37 -15.59
CA PHE A 369 16.38 10.74 -15.99
C PHE A 369 17.66 11.58 -16.16
N ASN A 370 18.73 10.94 -16.65
CA ASN A 370 20.01 11.56 -17.06
C ASN A 370 20.35 12.64 -16.02
N GLY A 371 20.21 12.37 -14.71
CA GLY A 371 20.78 13.17 -13.61
C GLY A 371 19.78 14.00 -12.82
N LYS A 372 18.55 14.10 -13.30
CA LYS A 372 17.50 14.91 -12.64
C LYS A 372 17.16 14.29 -11.27
N GLU A 373 17.14 15.11 -10.22
CA GLU A 373 16.91 14.62 -8.85
C GLU A 373 15.42 14.49 -8.57
N PRO A 374 14.94 13.32 -8.05
CA PRO A 374 13.54 13.15 -7.68
C PRO A 374 13.18 13.87 -6.37
N ASN A 375 11.95 14.41 -6.28
CA ASN A 375 11.42 15.09 -5.06
C ASN A 375 10.88 13.96 -4.18
N ARG A 376 11.32 13.87 -2.93
CA ARG A 376 10.67 12.98 -1.95
C ARG A 376 10.27 13.85 -0.78
N GLY A 377 9.27 13.41 -0.04
CA GLY A 377 8.98 13.94 1.30
C GLY A 377 9.72 13.18 2.35
N ILE A 378 9.42 13.45 3.61
CA ILE A 378 10.00 12.69 4.74
C ILE A 378 9.01 11.59 5.11
N ASN A 379 7.72 11.64 4.72
CA ASN A 379 6.76 10.55 5.10
C ASN A 379 6.02 10.08 3.85
N PRO A 380 6.68 9.40 2.90
CA PRO A 380 6.06 9.10 1.61
C PRO A 380 4.86 8.14 1.77
N ASP A 381 4.80 7.38 2.85
CA ASP A 381 3.66 6.47 3.13
C ASP A 381 2.40 7.26 3.49
N GLU A 382 2.51 8.52 3.86
CA GLU A 382 1.33 9.29 4.31
C GLU A 382 0.91 10.34 3.27
N ALA A 383 1.72 10.58 2.25
CA ALA A 383 1.47 11.67 1.28
C ALA A 383 0.06 11.59 0.70
N VAL A 384 -0.36 10.41 0.26
CA VAL A 384 -1.68 10.25 -0.42
C VAL A 384 -2.78 10.63 0.57
N ALA A 385 -2.75 10.13 1.80
CA ALA A 385 -3.79 10.46 2.80
C ALA A 385 -3.73 11.96 3.07
N TYR A 386 -2.54 12.50 3.18
CA TYR A 386 -2.33 13.95 3.40
C TYR A 386 -3.09 14.75 2.32
N GLY A 387 -2.91 14.36 1.06
CA GLY A 387 -3.51 15.07 -0.08
C GLY A 387 -5.02 14.90 -0.13
N ALA A 388 -5.51 13.74 0.29
CA ALA A 388 -6.95 13.50 0.42
C ALA A 388 -7.53 14.48 1.47
N ALA A 389 -6.84 14.69 2.58
CA ALA A 389 -7.27 15.63 3.64
C ALA A 389 -7.21 17.08 3.14
N ILE A 390 -6.18 17.41 2.35
CA ILE A 390 -6.08 18.74 1.71
C ILE A 390 -7.33 18.92 0.82
N GLN A 391 -7.68 17.93 -0.02
CA GLN A 391 -8.85 18.01 -0.92
C GLN A 391 -10.12 18.21 -0.09
N ALA A 392 -10.24 17.52 1.03
CA ALA A 392 -11.34 17.71 2.01
C ALA A 392 -11.45 19.20 2.42
N GLY A 393 -10.33 19.81 2.86
CA GLY A 393 -10.25 21.24 3.21
C GLY A 393 -10.59 22.14 2.04
N ILE A 394 -10.14 21.81 0.83
CA ILE A 394 -10.40 22.64 -0.37
C ILE A 394 -11.92 22.64 -0.64
N ILE A 395 -12.58 21.50 -0.46
CA ILE A 395 -14.04 21.31 -0.68
C ILE A 395 -14.81 22.07 0.39
N LEU A 396 -14.38 22.05 1.65
CA LEU A 396 -15.11 22.83 2.70
C LEU A 396 -14.99 24.34 2.49
N GLY A 397 -13.92 24.84 1.84
CA GLY A 397 -13.60 26.29 1.71
C GLY A 397 -13.21 26.92 3.05
C TO1 B . 8.10 -0.03 3.11
N TO1 B . 8.90 0.93 3.85
O TO1 B . 7.04 0.63 2.45
C2 TO1 B . 10.26 1.08 3.75
N2 TO1 B . 11.03 0.45 2.87
O2 TO1 B . 8.45 -2.01 4.35
C3 TO1 B . 12.31 0.80 2.98
N3 TO1 B . 12.87 1.67 3.82
O3 TO1 B . 6.75 -2.61 2.21
C4 TO1 B . 12.08 2.28 4.73
N4 TO1 B . 9.54 3.87 7.55
O4 TO1 B . 4.73 0.76 4.02
C5 TO1 B . 10.68 2.01 4.72
N5 TO1 B . 12.65 3.09 5.63
C6 TO1 B . 9.51 2.46 5.40
C7 TO1 B . 8.44 1.80 4.83
C8 TO1 B . 9.49 3.26 6.60
C9 TO1 B . 7.44 -1.07 4.01
C10 TO1 B . 6.31 -1.57 3.09
C11 TO1 B . 5.96 -0.31 2.26
C12 TO1 B . 4.68 0.35 2.64
S SO4 C . 0.36 -0.41 -1.33
O1 SO4 C . -1.00 -0.53 -0.89
O2 SO4 C . 0.58 0.86 -1.93
O3 SO4 C . 1.19 -0.52 -0.14
O4 SO4 C . 0.71 -1.42 -2.30
S SO4 D . 27.40 -18.69 13.00
O1 SO4 D . 26.23 -19.31 13.63
O2 SO4 D . 27.17 -17.28 12.80
O3 SO4 D . 28.60 -18.81 13.82
O4 SO4 D . 27.62 -19.35 11.75
#